data_2CDG
#
_entry.id   2CDG
#
_cell.length_a   64.062
_cell.length_b   64.062
_cell.length_c   185.000
_cell.angle_alpha   90.00
_cell.angle_beta   90.00
_cell.angle_gamma   120.00
#
_symmetry.space_group_name_H-M   'P 31 2 1'
#
loop_
_entity.id
_entity.type
_entity.pdbx_description
1 polymer 'TCR 5E'
2 polymer 'TCR 5E'
3 water water
#
loop_
_entity_poly.entity_id
_entity_poly.type
_entity_poly.pdbx_seq_one_letter_code
_entity_poly.pdbx_strand_id
1 'polypeptide(L)'
;QALSIQEGENATMNCSYKTSINNLQWYRQNSGRGLVHLILIRSNEREKHSGRLRVTLDTSKKSSSLLITASRAADTASYF
CAPFDRGSTLGRLYFGRGTQLTVWPDIQNPDPAVYQLRDSKSSDKSVCLFTDFDSQTNVSQSKDSDVYITDKCVLDMRSM
DFKSNSAVAWSNKSDFACANAFNN
;
A
2 'polypeptide(L)'
;ADIYQTPRYLVIGTGKKITLECSQTMGHDKMYWYQQDPGMELHLIHYSYGVNSTEKGDLSSESTVSRIRTEHFPLTLESA
RPSHTSQYLCASSESRTGINYGYTFGSGTRLTVVEDLNKVFPPEVAVFEPSEAEISHTQKATLVCLATGFYPDHVELSWW
VNGKEVHSGVCTDPQPLKEQPALNDSRYALSSRLRVSATFWQDPRNHFRCQVQFYGLSENDEWTQDRAKPVTQIVSAEAW
GRAD
;
B
#
# COMPACT_ATOMS: atom_id res chain seq x y z
N GLN A 1 9.66 12.35 9.53
CA GLN A 1 8.35 13.03 9.64
C GLN A 1 7.21 12.03 9.92
N ALA A 2 7.49 10.75 9.67
CA ALA A 2 6.55 9.66 9.96
C ALA A 2 6.17 9.63 11.45
N LEU A 3 5.04 9.02 11.79
CA LEU A 3 4.49 9.16 13.13
C LEU A 3 3.81 7.88 13.61
N SER A 4 4.46 7.20 14.55
CA SER A 4 3.91 6.00 15.16
C SER A 4 3.37 6.32 16.57
N ILE A 5 2.10 6.02 16.81
CA ILE A 5 1.50 6.20 18.15
C ILE A 5 0.66 5.00 18.58
N GLN A 6 0.34 4.94 19.88
CA GLN A 6 -0.56 3.93 20.45
C GLN A 6 -2.03 4.33 20.31
N GLU A 7 -2.88 3.39 19.92
CA GLU A 7 -4.29 3.72 19.72
C GLU A 7 -4.96 4.23 21.00
N GLY A 8 -5.79 5.26 20.85
CA GLY A 8 -6.32 6.00 21.98
C GLY A 8 -5.51 7.23 22.33
N GLU A 9 -4.29 7.32 21.81
CA GLU A 9 -3.47 8.53 21.95
C GLU A 9 -3.88 9.55 20.87
N ASN A 10 -3.32 10.75 20.93
CA ASN A 10 -3.65 11.84 20.00
C ASN A 10 -2.58 12.08 18.92
N ALA A 11 -2.96 12.76 17.84
CA ALA A 11 -2.04 13.01 16.72
C ALA A 11 -2.17 14.40 16.10
N THR A 12 -1.06 15.13 16.07
CA THR A 12 -0.99 16.47 15.49
C THR A 12 -0.18 16.48 14.19
N MET A 13 -0.90 16.57 13.08
CA MET A 13 -0.29 16.77 11.77
C MET A 13 -0.26 18.25 11.41
N ASN A 14 0.93 18.73 11.08
CA ASN A 14 1.15 20.12 10.68
C ASN A 14 1.40 20.24 9.20
N CYS A 15 1.26 21.45 8.69
CA CYS A 15 1.42 21.70 7.26
C CYS A 15 1.67 23.18 6.99
N SER A 16 2.49 23.47 5.98
CA SER A 16 2.82 24.84 5.62
C SER A 16 2.67 25.07 4.11
N TYR A 17 2.22 26.28 3.73
CA TYR A 17 1.97 26.60 2.32
C TYR A 17 2.52 27.97 1.90
N LYS A 18 2.80 28.14 0.60
CA LYS A 18 3.37 29.39 0.09
C LYS A 18 2.30 30.45 -0.20
N THR A 19 1.75 30.46 -1.41
CA THR A 19 0.82 31.52 -1.84
C THR A 19 -0.56 31.37 -1.18
N SER A 20 -0.99 32.46 -0.53
CA SER A 20 -2.23 32.50 0.25
C SER A 20 -3.47 32.06 -0.52
N ILE A 21 -4.45 31.58 0.23
CA ILE A 21 -5.61 30.87 -0.30
C ILE A 21 -6.93 31.43 0.22
N ASN A 22 -8.00 30.67 -0.01
CA ASN A 22 -9.34 31.04 0.44
C ASN A 22 -10.03 29.85 1.11
N ASN A 23 -9.28 28.74 1.20
CA ASN A 23 -9.82 27.43 1.55
C ASN A 23 -8.69 26.39 1.68
N LEU A 24 -8.62 25.74 2.84
CA LEU A 24 -7.64 24.67 3.04
C LEU A 24 -8.31 23.34 3.38
N GLN A 25 -7.78 22.26 2.80
CA GLN A 25 -8.35 20.92 3.00
C GLN A 25 -7.31 19.92 3.48
N TRP A 26 -7.77 18.93 4.25
CA TRP A 26 -6.96 17.76 4.59
C TRP A 26 -7.55 16.48 4.00
N TYR A 27 -6.68 15.62 3.49
CA TYR A 27 -7.06 14.32 2.94
C TYR A 27 -6.28 13.23 3.65
N ARG A 28 -6.74 12.00 3.47
CA ARG A 28 -5.94 10.83 3.82
C ARG A 28 -5.79 9.89 2.63
N GLN A 29 -4.61 9.31 2.49
CA GLN A 29 -4.38 8.31 1.45
C GLN A 29 -4.37 6.92 2.05
N ASN A 30 -5.17 6.04 1.49
CA ASN A 30 -5.28 4.69 2.01
C ASN A 30 -4.35 3.73 1.25
N SER A 31 -3.50 3.02 1.98
CA SER A 31 -2.59 2.02 1.38
C SER A 31 -1.91 2.51 0.11
N GLY A 32 -1.30 3.70 0.16
CA GLY A 32 -0.64 4.27 -1.02
C GLY A 32 -1.44 4.31 -2.33
N ARG A 33 -2.77 4.44 -2.22
CA ARG A 33 -3.67 4.47 -3.38
C ARG A 33 -4.70 5.61 -3.33
N GLY A 34 -5.96 5.28 -3.06
CA GLY A 34 -7.03 6.26 -3.09
C GLY A 34 -7.02 7.28 -1.96
N LEU A 35 -7.25 8.55 -2.30
CA LEU A 35 -7.41 9.62 -1.31
C LEU A 35 -8.88 9.88 -0.96
N VAL A 36 -9.14 10.20 0.30
CA VAL A 36 -10.49 10.54 0.75
C VAL A 36 -10.48 11.87 1.50
N HIS A 37 -11.44 12.74 1.16
CA HIS A 37 -11.58 14.07 1.76
C HIS A 37 -12.01 14.00 3.21
N LEU A 38 -11.36 14.80 4.05
CA LEU A 38 -11.56 14.71 5.51
C LEU A 38 -12.32 15.89 6.11
N ILE A 39 -11.74 17.07 5.94
CA ILE A 39 -12.31 18.31 6.50
C ILE A 39 -11.87 19.52 5.66
N LEU A 40 -12.61 20.63 5.82
CA LEU A 40 -12.41 21.83 5.01
C LEU A 40 -12.57 23.06 5.90
N ILE A 41 -11.64 24.00 5.77
CA ILE A 41 -11.62 25.17 6.62
C ILE A 41 -11.47 26.44 5.78
N ARG A 42 -12.45 27.34 5.90
CA ARG A 42 -12.49 28.56 5.10
C ARG A 42 -11.38 29.53 5.52
N SER A 43 -11.16 30.54 4.68
CA SER A 43 -10.16 31.58 4.98
C SER A 43 -10.59 32.50 6.13
N ASN A 44 -11.88 32.57 6.40
CA ASN A 44 -12.39 33.31 7.56
C ASN A 44 -12.86 32.35 8.66
N GLU A 45 -12.00 31.38 8.97
CA GLU A 45 -12.27 30.42 10.04
C GLU A 45 -10.99 30.10 10.81
N ARG A 46 -11.13 29.96 12.12
CA ARG A 46 -10.00 29.54 12.97
C ARG A 46 -9.99 28.03 13.25
N GLU A 47 -11.16 27.46 13.57
CA GLU A 47 -11.26 26.04 13.95
C GLU A 47 -12.54 25.37 13.44
N LYS A 48 -12.45 24.05 13.24
CA LYS A 48 -13.57 23.22 12.79
C LYS A 48 -13.45 21.81 13.37
N HIS A 49 -14.61 21.19 13.64
CA HIS A 49 -14.66 19.77 14.04
C HIS A 49 -15.52 18.93 13.11
N SER A 50 -15.19 17.64 13.05
CA SER A 50 -15.92 16.62 12.30
C SER A 50 -15.73 15.33 13.10
N GLY A 51 -16.39 15.31 14.27
CA GLY A 51 -16.17 14.26 15.25
C GLY A 51 -14.77 14.36 15.82
N ARG A 52 -13.94 13.35 15.50
CA ARG A 52 -12.59 13.23 16.04
C ARG A 52 -11.53 14.10 15.35
N LEU A 53 -11.90 14.72 14.23
CA LEU A 53 -11.02 15.59 13.45
C LEU A 53 -11.15 17.05 13.87
N ARG A 54 -10.03 17.65 14.27
CA ARG A 54 -9.98 19.04 14.71
C ARG A 54 -8.89 19.84 13.97
N VAL A 55 -9.33 20.81 13.15
CA VAL A 55 -8.40 21.53 12.27
C VAL A 55 -8.23 23.00 12.66
N THR A 56 -6.97 23.44 12.68
CA THR A 56 -6.64 24.85 12.88
C THR A 56 -5.97 25.44 11.64
N LEU A 57 -6.10 26.75 11.47
CA LEU A 57 -5.50 27.47 10.35
C LEU A 57 -5.19 28.88 10.76
N ASP A 58 -4.04 29.39 10.34
CA ASP A 58 -3.79 30.85 10.40
C ASP A 58 -3.18 31.38 9.09
N THR A 59 -3.74 32.47 8.58
CA THR A 59 -3.19 33.14 7.39
C THR A 59 -2.07 34.10 7.82
N SER A 60 -1.79 34.10 9.12
CA SER A 60 -0.73 34.93 9.69
C SER A 60 0.64 34.30 9.47
N LYS A 61 0.70 32.97 9.54
CA LYS A 61 1.95 32.25 9.36
C LYS A 61 1.91 31.31 8.15
N LYS A 62 0.72 31.15 7.57
CA LYS A 62 0.47 30.23 6.44
C LYS A 62 0.72 28.77 6.81
N SER A 63 0.17 28.37 7.95
CA SER A 63 0.30 27.00 8.43
C SER A 63 -1.02 26.45 8.98
N SER A 64 -1.15 25.12 8.94
CA SER A 64 -2.34 24.44 9.46
C SER A 64 -1.95 23.23 10.30
N SER A 65 -2.90 22.79 11.12
CA SER A 65 -2.73 21.64 11.99
C SER A 65 -4.02 20.82 12.01
N LEU A 66 -3.87 19.50 11.96
CA LEU A 66 -5.00 18.59 12.18
C LEU A 66 -4.74 17.75 13.43
N LEU A 67 -5.70 17.77 14.35
CA LEU A 67 -5.66 16.91 15.53
C LEU A 67 -6.67 15.75 15.46
N ILE A 68 -6.15 14.52 15.54
CA ILE A 68 -7.00 13.35 15.76
C ILE A 68 -7.01 13.02 17.26
N THR A 69 -8.20 12.85 17.81
CA THR A 69 -8.38 12.50 19.22
C THR A 69 -8.89 11.07 19.39
N ALA A 70 -8.39 10.40 20.42
CA ALA A 70 -8.74 9.00 20.72
C ALA A 70 -8.62 8.11 19.46
N SER A 71 -7.39 7.81 19.10
CA SER A 71 -7.07 7.17 17.82
C SER A 71 -7.44 5.69 17.74
N ARG A 72 -7.71 5.25 16.51
CA ARG A 72 -8.00 3.87 16.22
C ARG A 72 -7.03 3.32 15.17
N ALA A 73 -6.89 1.99 15.15
CA ALA A 73 -6.12 1.32 14.08
C ALA A 73 -6.55 1.78 12.68
N ALA A 74 -7.87 1.98 12.48
CA ALA A 74 -8.40 2.52 11.21
C ALA A 74 -7.88 3.92 10.81
N ASP A 75 -7.37 4.69 11.76
CA ASP A 75 -6.74 5.99 11.45
C ASP A 75 -5.38 5.87 10.72
N THR A 76 -4.71 4.72 10.85
CA THR A 76 -3.48 4.45 10.11
C THR A 76 -3.65 4.82 8.65
N ALA A 77 -2.84 5.77 8.19
CA ALA A 77 -2.84 6.24 6.80
C ALA A 77 -1.79 7.33 6.64
N SER A 78 -1.80 7.94 5.46
CA SER A 78 -0.88 9.02 5.16
C SER A 78 -1.69 10.29 4.89
N TYR A 79 -1.33 11.37 5.56
CA TYR A 79 -2.18 12.57 5.55
C TYR A 79 -1.62 13.70 4.71
N PHE A 80 -2.44 14.15 3.76
CA PHE A 80 -2.04 15.21 2.85
C PHE A 80 -2.76 16.52 3.15
N CYS A 81 -1.99 17.60 3.08
CA CYS A 81 -2.48 18.95 3.21
C CYS A 81 -2.73 19.50 1.81
N ALA A 82 -3.79 20.28 1.64
CA ALA A 82 -4.22 20.70 0.30
C ALA A 82 -4.86 22.10 0.23
N PRO A 83 -4.06 23.10 -0.16
CA PRO A 83 -4.55 24.47 -0.37
C PRO A 83 -5.37 24.64 -1.65
N PHE A 84 -6.32 25.57 -1.61
CA PHE A 84 -7.22 25.85 -2.73
C PHE A 84 -7.30 27.37 -2.97
N ASP A 85 -6.64 27.85 -4.01
CA ASP A 85 -6.77 29.25 -4.42
C ASP A 85 -7.13 29.37 -5.90
N ARG A 86 -7.92 30.39 -6.23
CA ARG A 86 -8.44 30.58 -7.58
C ARG A 86 -8.95 31.99 -7.86
N GLY A 87 -8.84 32.40 -9.12
CA GLY A 87 -9.34 33.70 -9.57
C GLY A 87 -10.72 33.60 -10.20
N SER A 88 -11.68 33.15 -9.38
CA SER A 88 -13.10 32.95 -9.76
C SER A 88 -13.38 31.69 -10.60
N THR A 89 -12.83 31.62 -11.81
CA THR A 89 -13.15 30.56 -12.77
C THR A 89 -12.56 29.20 -12.38
N LEU A 90 -11.24 29.12 -12.30
CA LEU A 90 -10.55 27.87 -11.99
C LEU A 90 -10.68 27.48 -10.52
N GLY A 91 -9.86 26.54 -10.09
CA GLY A 91 -9.82 26.10 -8.70
C GLY A 91 -8.73 25.08 -8.50
N ARG A 92 -7.49 25.50 -8.68
CA ARG A 92 -6.35 24.59 -8.57
C ARG A 92 -6.09 24.18 -7.12
N LEU A 93 -6.37 22.92 -6.81
CA LEU A 93 -6.08 22.35 -5.51
C LEU A 93 -4.74 21.61 -5.57
N TYR A 94 -3.79 22.06 -4.75
CA TYR A 94 -2.42 21.55 -4.76
C TYR A 94 -2.23 20.61 -3.59
N PHE A 95 -1.24 19.74 -3.65
CA PHE A 95 -1.06 18.78 -2.57
C PHE A 95 0.32 18.87 -1.93
N GLY A 96 0.34 18.76 -0.61
CA GLY A 96 1.56 18.81 0.17
C GLY A 96 2.35 17.52 0.09
N ARG A 97 3.31 17.39 1.01
CA ARG A 97 4.26 16.26 1.01
C ARG A 97 3.64 14.94 1.48
N GLY A 98 3.01 14.95 2.66
CA GLY A 98 2.35 13.75 3.18
C GLY A 98 3.02 13.22 4.42
N THR A 99 2.21 12.81 5.41
CA THR A 99 2.73 12.38 6.70
C THR A 99 2.14 11.02 7.12
N GLN A 100 3.00 9.99 7.09
CA GLN A 100 2.61 8.64 7.50
C GLN A 100 2.27 8.55 8.99
N LEU A 101 1.04 8.14 9.27
CA LEU A 101 0.59 7.85 10.63
C LEU A 101 0.30 6.36 10.75
N THR A 102 0.95 5.71 11.72
CA THR A 102 0.60 4.35 12.09
C THR A 102 0.12 4.37 13.53
N VAL A 103 -0.97 3.63 13.77
CA VAL A 103 -1.59 3.60 15.08
C VAL A 103 -1.63 2.14 15.53
N TRP A 104 -0.92 1.84 16.62
CA TRP A 104 -0.79 0.47 17.12
C TRP A 104 -1.66 0.21 18.36
N PRO A 105 -2.12 -1.03 18.55
CA PRO A 105 -2.90 -1.42 19.72
C PRO A 105 -2.06 -1.65 20.97
N ASP A 106 -2.74 -1.94 22.08
CA ASP A 106 -2.09 -2.36 23.30
C ASP A 106 -2.13 -3.87 23.41
N ILE A 107 -0.95 -4.47 23.48
CA ILE A 107 -0.82 -5.90 23.68
C ILE A 107 -1.13 -6.23 25.14
N GLN A 108 -2.06 -7.17 25.33
CA GLN A 108 -2.61 -7.49 26.64
C GLN A 108 -1.59 -8.27 27.49
N ASN A 109 -1.10 -9.37 26.94
CA ASN A 109 -0.16 -10.25 27.65
C ASN A 109 1.02 -10.55 26.74
N PRO A 110 2.08 -9.72 26.83
CA PRO A 110 3.23 -9.93 25.95
C PRO A 110 3.94 -11.24 26.29
N ASP A 111 4.33 -11.96 25.25
CA ASP A 111 5.12 -13.17 25.41
C ASP A 111 6.23 -13.23 24.33
N PRO A 112 7.19 -12.27 24.39
CA PRO A 112 8.17 -12.14 23.31
C PRO A 112 8.87 -13.46 23.02
N ALA A 113 8.92 -13.84 21.74
CA ALA A 113 9.47 -15.14 21.33
C ALA A 113 9.97 -15.14 19.89
N VAL A 114 11.03 -15.91 19.65
CA VAL A 114 11.56 -16.07 18.31
C VAL A 114 11.52 -17.55 17.97
N TYR A 115 10.88 -17.88 16.84
CA TYR A 115 10.81 -19.26 16.37
C TYR A 115 11.40 -19.42 14.98
N GLN A 116 11.93 -20.61 14.73
CA GLN A 116 12.32 -21.05 13.40
C GLN A 116 11.17 -21.92 12.83
N LEU A 117 10.70 -21.59 11.62
CA LEU A 117 9.68 -22.40 10.97
C LEU A 117 10.24 -22.98 9.67
N ARG A 118 10.02 -24.27 9.44
CA ARG A 118 10.56 -24.91 8.23
C ARG A 118 9.59 -25.03 7.04
N ASP A 119 10.16 -25.12 5.84
CA ASP A 119 9.39 -25.15 4.60
C ASP A 119 8.61 -26.46 4.44
N SER A 120 7.33 -26.35 4.08
CA SER A 120 6.46 -27.50 3.83
C SER A 120 6.99 -28.38 2.72
N LYS A 121 7.58 -27.76 1.69
CA LYS A 121 8.22 -28.51 0.62
C LYS A 121 9.60 -28.94 1.08
N SER A 122 9.92 -30.21 0.83
CA SER A 122 11.26 -30.71 1.06
C SER A 122 12.28 -29.74 0.46
N SER A 123 12.80 -28.88 1.33
CA SER A 123 13.90 -27.99 1.01
C SER A 123 14.59 -27.71 2.34
N ASP A 124 15.64 -26.91 2.31
CA ASP A 124 16.31 -26.55 3.55
C ASP A 124 16.09 -25.11 3.97
N LYS A 125 15.23 -24.42 3.22
CA LYS A 125 14.91 -23.04 3.52
C LYS A 125 14.13 -22.96 4.83
N SER A 126 14.36 -21.88 5.57
CA SER A 126 13.64 -21.61 6.82
C SER A 126 13.47 -20.11 7.04
N VAL A 127 12.55 -19.73 7.93
CA VAL A 127 12.37 -18.34 8.34
C VAL A 127 12.43 -18.25 9.86
N CYS A 128 12.60 -17.04 10.36
CA CYS A 128 12.54 -16.78 11.78
C CYS A 128 11.33 -15.93 12.05
N LEU A 129 10.64 -16.24 13.14
CA LEU A 129 9.49 -15.44 13.52
C LEU A 129 9.74 -14.88 14.91
N PHE A 130 9.83 -13.55 14.96
CA PHE A 130 9.82 -12.81 16.21
C PHE A 130 8.38 -12.40 16.43
N THR A 131 7.77 -12.91 17.49
CA THR A 131 6.35 -12.68 17.71
C THR A 131 5.93 -12.44 19.17
N ASP A 132 4.74 -11.86 19.33
CA ASP A 132 4.03 -11.72 20.60
C ASP A 132 4.74 -10.76 21.56
N PHE A 133 5.51 -9.84 20.98
CA PHE A 133 6.16 -8.76 21.73
C PHE A 133 5.25 -7.54 21.92
N ASP A 134 5.49 -6.77 22.98
CA ASP A 134 4.67 -5.56 23.25
C ASP A 134 4.88 -4.49 22.17
N SER A 135 4.07 -3.42 22.23
CA SER A 135 4.03 -2.43 21.15
C SER A 135 5.04 -1.29 21.27
N GLN A 136 5.81 -1.28 22.36
CA GLN A 136 6.95 -0.39 22.49
C GLN A 136 8.26 -1.18 22.41
N THR A 137 8.39 -1.98 21.36
CA THR A 137 9.58 -2.79 21.08
C THR A 137 10.12 -2.38 19.72
N ASN A 138 11.44 -2.26 19.61
CA ASN A 138 12.09 -1.91 18.34
C ASN A 138 12.55 -3.13 17.55
N VAL A 139 12.09 -3.23 16.31
CA VAL A 139 12.64 -4.21 15.38
C VAL A 139 13.69 -3.53 14.50
N SER A 140 14.96 -3.80 14.79
CA SER A 140 16.07 -3.17 14.08
C SER A 140 16.32 -3.81 12.71
N GLN A 141 16.36 -3.00 11.65
CA GLN A 141 16.82 -3.45 10.33
C GLN A 141 18.20 -4.08 10.49
N SER A 142 18.52 -5.05 9.64
CA SER A 142 19.75 -5.80 9.79
C SER A 142 20.98 -5.02 9.33
N LYS A 143 22.07 -5.17 10.06
CA LYS A 143 23.36 -4.61 9.64
C LYS A 143 24.20 -5.72 9.01
N ASP A 144 23.58 -6.39 8.03
CA ASP A 144 24.15 -7.52 7.32
C ASP A 144 23.29 -7.72 6.07
N SER A 145 23.85 -7.37 4.91
CA SER A 145 23.09 -7.36 3.65
C SER A 145 22.58 -8.74 3.23
N ASP A 146 23.12 -9.78 3.85
CA ASP A 146 22.66 -11.15 3.59
C ASP A 146 21.45 -11.53 4.46
N VAL A 147 21.13 -10.69 5.44
CA VAL A 147 19.98 -10.92 6.34
C VAL A 147 18.84 -9.91 6.12
N TYR A 148 17.67 -10.42 5.74
CA TYR A 148 16.48 -9.60 5.51
C TYR A 148 15.54 -9.61 6.70
N ILE A 149 15.13 -8.44 7.19
CA ILE A 149 14.16 -8.34 8.27
C ILE A 149 13.01 -7.42 7.87
N THR A 150 11.77 -7.92 7.98
CA THR A 150 10.56 -7.12 7.72
C THR A 150 10.29 -6.07 8.78
N ASP A 151 9.43 -5.10 8.45
CA ASP A 151 8.88 -4.19 9.44
C ASP A 151 7.87 -4.92 10.34
N LYS A 152 7.38 -4.25 11.37
CA LYS A 152 6.43 -4.85 12.31
C LYS A 152 5.03 -5.07 11.65
N CYS A 153 4.22 -5.97 12.22
CA CYS A 153 2.91 -6.30 11.63
C CYS A 153 1.90 -6.85 12.66
N VAL A 154 0.78 -6.15 12.80
CA VAL A 154 -0.25 -6.50 13.79
C VAL A 154 -1.38 -7.29 13.14
N LEU A 155 -1.62 -8.52 13.63
CA LEU A 155 -2.71 -9.37 13.14
C LEU A 155 -3.82 -9.49 14.20
N ASP A 156 -5.07 -9.55 13.75
CA ASP A 156 -6.21 -9.62 14.66
C ASP A 156 -6.95 -10.97 14.62
N MET A 157 -7.09 -11.59 15.79
CA MET A 157 -7.87 -12.81 15.95
C MET A 157 -9.10 -12.45 16.79
N ARG A 158 -10.11 -11.92 16.10
CA ARG A 158 -11.26 -11.31 16.76
C ARG A 158 -12.06 -12.28 17.63
N SER A 159 -12.19 -13.53 17.17
CA SER A 159 -12.98 -14.56 17.89
C SER A 159 -12.42 -14.81 19.28
N MET A 160 -11.14 -14.47 19.46
CA MET A 160 -10.46 -14.65 20.74
C MET A 160 -10.16 -13.35 21.50
N ASP A 161 -10.61 -12.21 20.97
CA ASP A 161 -10.32 -10.90 21.56
C ASP A 161 -8.82 -10.83 21.84
N PHE A 162 -8.04 -11.04 20.79
CA PHE A 162 -6.61 -11.19 20.92
C PHE A 162 -5.95 -10.62 19.68
N LYS A 163 -4.80 -9.97 19.92
CA LYS A 163 -4.00 -9.37 18.88
C LYS A 163 -2.55 -9.79 19.11
N SER A 164 -1.72 -9.75 18.09
CA SER A 164 -0.28 -9.94 18.28
C SER A 164 0.55 -9.30 17.19
N ASN A 165 1.74 -8.86 17.58
CA ASN A 165 2.70 -8.30 16.63
C ASN A 165 3.64 -9.39 16.14
N SER A 166 4.15 -9.20 14.93
CA SER A 166 5.17 -10.08 14.39
C SER A 166 6.13 -9.36 13.46
N ALA A 167 7.31 -9.96 13.31
CA ALA A 167 8.22 -9.60 12.23
C ALA A 167 8.91 -10.89 11.76
N VAL A 168 9.29 -10.93 10.49
CA VAL A 168 9.91 -12.11 9.92
C VAL A 168 11.32 -11.79 9.48
N ALA A 169 12.22 -12.77 9.63
CA ALA A 169 13.60 -12.63 9.13
C ALA A 169 14.04 -13.91 8.46
N TRP A 170 14.65 -13.76 7.28
CA TRP A 170 15.24 -14.91 6.59
C TRP A 170 16.54 -14.53 5.91
N SER A 171 17.35 -15.54 5.59
CA SER A 171 18.61 -15.36 4.86
C SER A 171 18.82 -16.44 3.81
N ASN A 172 19.89 -16.28 3.03
CA ASN A 172 20.34 -17.29 2.08
C ASN A 172 21.64 -17.99 2.49
N LYS A 173 22.23 -17.55 3.60
CA LYS A 173 23.45 -18.17 4.13
C LYS A 173 23.18 -19.61 4.55
N SER A 174 24.22 -20.44 4.48
CA SER A 174 24.17 -21.83 4.94
C SER A 174 24.20 -21.91 6.46
N ASP A 175 23.43 -22.86 7.01
CA ASP A 175 23.33 -23.12 8.46
C ASP A 175 22.73 -21.97 9.30
N PHE A 176 21.96 -21.09 8.67
CA PHE A 176 21.49 -19.84 9.32
C PHE A 176 20.56 -20.02 10.53
N ALA A 177 21.12 -19.75 11.71
CA ALA A 177 20.39 -19.88 12.97
C ALA A 177 19.58 -18.61 13.29
N CYS A 178 18.39 -18.80 13.85
CA CYS A 178 17.55 -17.69 14.27
C CYS A 178 17.97 -17.16 15.64
N ALA A 179 18.86 -17.87 16.32
CA ALA A 179 19.25 -17.55 17.70
C ALA A 179 19.80 -16.13 17.91
N ASN A 180 20.07 -15.40 16.83
CA ASN A 180 20.64 -14.05 16.96
C ASN A 180 20.11 -13.01 15.97
N ALA A 181 19.57 -13.46 14.84
CA ALA A 181 18.79 -12.58 13.97
C ALA A 181 17.80 -11.82 14.85
N PHE A 182 17.76 -10.50 14.69
CA PHE A 182 16.87 -9.63 15.49
C PHE A 182 17.60 -8.91 16.62
N ASN A 183 18.54 -9.59 17.27
CA ASN A 183 19.12 -9.12 18.52
C ASN A 183 19.48 -7.63 18.53
N ASN A 184 18.68 -6.86 19.28
CA ASN A 184 18.87 -5.42 19.42
C ASN A 184 20.05 -5.12 20.34
N ALA B 1 -21.50 7.72 -5.68
CA ALA B 1 -21.72 6.38 -6.29
C ALA B 1 -20.43 5.81 -6.92
N ASP B 2 -19.30 6.36 -6.50
CA ASP B 2 -17.95 5.88 -6.87
C ASP B 2 -17.39 6.35 -8.22
N ILE B 3 -16.15 5.93 -8.46
CA ILE B 3 -15.31 6.44 -9.52
C ILE B 3 -14.23 5.36 -9.78
N TYR B 4 -14.28 4.75 -10.95
CA TYR B 4 -13.49 3.55 -11.21
C TYR B 4 -12.40 3.77 -12.23
N GLN B 5 -11.19 3.32 -11.93
CA GLN B 5 -10.15 3.30 -12.95
C GLN B 5 -9.54 1.93 -13.19
N THR B 6 -9.24 1.67 -14.46
CA THR B 6 -8.65 0.42 -14.90
C THR B 6 -7.48 0.76 -15.80
N PRO B 7 -6.45 -0.10 -15.86
CA PRO B 7 -6.26 -1.26 -14.99
C PRO B 7 -5.50 -0.90 -13.70
N ARG B 8 -5.67 -1.74 -12.68
CA ARG B 8 -5.14 -1.51 -11.36
C ARG B 8 -3.61 -1.44 -11.38
N TYR B 9 -3.01 -2.33 -12.17
CA TYR B 9 -1.57 -2.37 -12.38
C TYR B 9 -1.27 -2.53 -13.87
N LEU B 10 -0.15 -1.97 -14.33
CA LEU B 10 0.35 -2.23 -15.69
C LEU B 10 1.87 -2.19 -15.78
N VAL B 11 2.44 -3.30 -16.25
CA VAL B 11 3.84 -3.31 -16.68
C VAL B 11 3.91 -3.56 -18.17
N ILE B 12 4.57 -2.65 -18.90
CA ILE B 12 4.83 -2.80 -20.36
C ILE B 12 6.25 -2.35 -20.72
N GLY B 13 6.70 -2.76 -21.90
CA GLY B 13 7.95 -2.26 -22.47
C GLY B 13 7.82 -0.84 -23.03
N THR B 14 8.95 -0.30 -23.48
CA THR B 14 9.04 1.06 -23.98
C THR B 14 8.62 1.17 -25.45
N GLY B 15 7.93 2.26 -25.77
CA GLY B 15 7.53 2.55 -27.16
C GLY B 15 6.13 2.03 -27.48
N LYS B 16 5.34 1.82 -26.44
CA LYS B 16 4.00 1.22 -26.55
C LYS B 16 2.91 2.21 -26.13
N LYS B 17 1.72 2.06 -26.70
CA LYS B 17 0.60 2.96 -26.41
C LYS B 17 -0.24 2.50 -25.20
N ILE B 18 -0.41 3.40 -24.23
CA ILE B 18 -1.19 3.10 -23.04
C ILE B 18 -2.41 4.00 -22.97
N THR B 19 -3.55 3.42 -22.64
CA THR B 19 -4.75 4.18 -22.32
C THR B 19 -5.25 3.82 -20.92
N LEU B 20 -5.35 4.83 -20.07
CA LEU B 20 -5.83 4.66 -18.71
C LEU B 20 -7.28 5.13 -18.61
N GLU B 21 -8.19 4.20 -18.35
CA GLU B 21 -9.61 4.51 -18.25
C GLU B 21 -9.98 5.08 -16.90
N CYS B 22 -10.92 6.02 -16.93
CA CYS B 22 -11.47 6.61 -15.71
C CYS B 22 -12.90 7.09 -15.96
N SER B 23 -13.85 6.47 -15.25
CA SER B 23 -15.26 6.83 -15.37
C SER B 23 -15.93 7.07 -14.02
N GLN B 24 -16.95 7.93 -14.02
CA GLN B 24 -17.75 8.26 -12.83
C GLN B 24 -19.24 8.39 -13.15
N THR B 25 -20.07 7.88 -12.24
CA THR B 25 -21.52 7.86 -12.43
C THR B 25 -22.25 8.94 -11.62
N MET B 26 -21.52 9.67 -10.79
CA MET B 26 -22.10 10.74 -9.96
C MET B 26 -22.52 11.96 -10.76
N GLY B 27 -22.04 12.04 -12.01
CA GLY B 27 -22.44 13.09 -12.96
C GLY B 27 -21.75 14.44 -12.79
N HIS B 28 -20.56 14.42 -12.18
CA HIS B 28 -19.77 15.65 -11.96
C HIS B 28 -19.25 16.27 -13.25
N ASP B 29 -19.06 17.57 -13.23
CA ASP B 29 -18.62 18.30 -14.43
C ASP B 29 -17.10 18.42 -14.54
N LYS B 30 -16.43 18.46 -13.39
CA LYS B 30 -14.99 18.64 -13.34
C LYS B 30 -14.32 17.32 -13.03
N MET B 31 -13.28 17.03 -13.80
CA MET B 31 -12.45 15.85 -13.60
C MET B 31 -10.99 16.23 -13.69
N TYR B 32 -10.11 15.40 -13.12
CA TYR B 32 -8.67 15.72 -12.97
C TYR B 32 -7.80 14.48 -13.12
N TRP B 33 -6.62 14.65 -13.74
CA TRP B 33 -5.59 13.62 -13.62
C TRP B 33 -4.44 14.17 -12.79
N TYR B 34 -4.11 13.43 -11.73
CA TYR B 34 -2.90 13.67 -10.91
C TYR B 34 -1.89 12.52 -11.05
N GLN B 35 -0.62 12.86 -11.00
CA GLN B 35 0.45 11.87 -11.04
C GLN B 35 1.23 11.93 -9.74
N GLN B 36 1.58 10.75 -9.21
CA GLN B 36 2.32 10.69 -7.97
C GLN B 36 3.44 9.64 -8.04
N ASP B 37 4.68 10.11 -7.98
CA ASP B 37 5.87 9.26 -7.99
C ASP B 37 6.10 8.53 -6.65
N PRO B 38 7.06 7.56 -6.62
CA PRO B 38 7.52 7.03 -5.35
C PRO B 38 8.37 8.07 -4.59
N GLY B 39 8.27 9.33 -5.01
CA GLY B 39 8.79 10.46 -4.26
C GLY B 39 7.90 10.69 -3.07
N MET B 40 6.60 10.90 -3.35
CA MET B 40 5.48 10.96 -2.38
C MET B 40 4.42 12.04 -2.70
N GLU B 41 4.82 13.03 -3.50
CA GLU B 41 3.99 14.22 -3.77
C GLU B 41 3.06 14.10 -4.98
N LEU B 42 1.87 14.69 -4.87
CA LEU B 42 0.92 14.73 -5.96
C LEU B 42 1.10 15.96 -6.85
N HIS B 43 0.95 15.76 -8.15
CA HIS B 43 1.13 16.80 -9.15
C HIS B 43 0.01 16.78 -10.19
N LEU B 44 -0.52 17.95 -10.52
CA LEU B 44 -1.64 18.04 -11.47
C LEU B 44 -1.16 18.02 -12.92
N ILE B 45 -1.59 17.04 -13.69
CA ILE B 45 -1.18 16.93 -15.09
C ILE B 45 -2.29 17.26 -16.09
N HIS B 46 -3.53 16.85 -15.80
CA HIS B 46 -4.66 17.27 -16.61
C HIS B 46 -5.93 17.54 -15.80
N TYR B 47 -6.75 18.44 -16.34
CA TYR B 47 -8.10 18.71 -15.83
C TYR B 47 -9.02 19.18 -16.96
N SER B 48 -10.31 18.93 -16.77
CA SER B 48 -11.35 19.25 -17.73
C SER B 48 -12.48 19.99 -17.02
N TYR B 49 -13.01 21.02 -17.66
CA TYR B 49 -14.13 21.78 -17.11
C TYR B 49 -15.48 21.19 -17.53
N GLY B 50 -15.43 20.21 -18.43
CA GLY B 50 -16.64 19.63 -19.00
C GLY B 50 -16.35 19.03 -20.36
N VAL B 51 -17.40 18.63 -21.07
CA VAL B 51 -17.23 18.05 -22.40
C VAL B 51 -16.72 19.11 -23.37
N ASN B 52 -15.66 18.74 -24.10
CA ASN B 52 -14.94 19.64 -25.03
C ASN B 52 -14.00 20.64 -24.37
N SER B 53 -13.70 20.41 -23.09
CA SER B 53 -12.68 21.18 -22.38
C SER B 53 -11.56 20.25 -21.90
N THR B 54 -10.34 20.48 -22.39
CA THR B 54 -9.15 19.80 -21.86
C THR B 54 -8.00 20.79 -21.66
N GLU B 55 -7.31 20.64 -20.53
CA GLU B 55 -6.36 21.64 -20.06
C GLU B 55 -5.09 21.01 -19.50
N LYS B 56 -3.94 21.52 -19.95
CA LYS B 56 -2.62 21.18 -19.41
C LYS B 56 -2.51 21.55 -17.93
N GLY B 57 -1.75 20.77 -17.17
CA GLY B 57 -1.63 21.01 -15.74
C GLY B 57 -0.38 21.76 -15.29
N ASP B 58 -0.05 21.58 -14.01
CA ASP B 58 1.13 22.20 -13.39
C ASP B 58 2.43 21.72 -14.03
N LEU B 59 2.66 20.40 -14.02
CA LEU B 59 3.88 19.81 -14.62
C LEU B 59 3.63 18.98 -15.90
N SER B 60 4.31 19.40 -16.99
CA SER B 60 4.03 18.92 -18.36
C SER B 60 4.60 17.54 -18.68
N SER B 61 3.70 16.58 -18.96
CA SER B 61 4.09 15.27 -19.46
C SER B 61 3.79 15.14 -20.96
N GLU B 62 4.23 14.03 -21.55
CA GLU B 62 3.79 13.67 -22.89
C GLU B 62 2.65 12.65 -22.77
N SER B 63 1.48 13.17 -22.43
CA SER B 63 0.24 12.39 -22.41
C SER B 63 -0.90 13.28 -22.87
N THR B 64 -2.02 12.66 -23.26
CA THR B 64 -3.15 13.40 -23.80
C THR B 64 -4.43 12.95 -23.12
N VAL B 65 -5.39 13.86 -23.02
CA VAL B 65 -6.73 13.55 -22.50
C VAL B 65 -7.85 13.89 -23.49
N SER B 66 -8.94 13.17 -23.34
CA SER B 66 -10.09 13.28 -24.20
C SER B 66 -11.29 13.37 -23.27
N ARG B 67 -12.26 14.19 -23.64
CA ARG B 67 -13.51 14.30 -22.87
C ARG B 67 -14.70 14.39 -23.84
N ILE B 68 -15.19 13.23 -24.27
CA ILE B 68 -16.31 13.17 -25.22
C ILE B 68 -17.66 12.82 -24.55
N ARG B 69 -17.60 12.49 -23.26
CA ARG B 69 -18.77 12.20 -22.46
C ARG B 69 -18.52 12.54 -21.01
N THR B 70 -19.53 13.10 -20.35
CA THR B 70 -19.42 13.52 -18.95
C THR B 70 -18.78 12.44 -18.06
N GLU B 71 -19.09 11.17 -18.35
CA GLU B 71 -18.63 10.04 -17.51
C GLU B 71 -17.16 9.69 -17.70
N HIS B 72 -16.65 9.78 -18.91
CA HIS B 72 -15.31 9.27 -19.18
C HIS B 72 -14.26 10.34 -19.39
N PHE B 73 -13.08 10.08 -18.83
CA PHE B 73 -11.95 10.96 -18.94
C PHE B 73 -10.68 10.11 -19.18
N PRO B 74 -10.58 9.48 -20.36
CA PRO B 74 -9.40 8.66 -20.63
C PRO B 74 -8.12 9.47 -20.82
N LEU B 75 -6.99 8.81 -20.58
CA LEU B 75 -5.67 9.43 -20.66
C LEU B 75 -4.72 8.53 -21.49
N THR B 76 -4.17 9.06 -22.59
CA THR B 76 -3.31 8.30 -23.50
C THR B 76 -1.82 8.71 -23.45
N LEU B 77 -0.95 7.71 -23.41
CA LEU B 77 0.48 7.89 -23.58
C LEU B 77 0.85 7.23 -24.90
N GLU B 78 1.16 8.05 -25.90
CA GLU B 78 1.41 7.61 -27.30
C GLU B 78 2.61 6.66 -27.47
N SER B 79 3.66 6.91 -26.70
CA SER B 79 4.85 6.09 -26.68
C SER B 79 5.32 6.05 -25.22
N ALA B 80 5.60 4.86 -24.71
CA ALA B 80 6.00 4.72 -23.32
C ALA B 80 7.52 4.74 -23.21
N ARG B 81 8.02 5.33 -22.13
CA ARG B 81 9.45 5.32 -21.77
C ARG B 81 9.55 5.09 -20.26
N PRO B 82 10.70 4.60 -19.75
CA PRO B 82 10.85 4.40 -18.28
C PRO B 82 10.48 5.64 -17.46
N SER B 83 10.75 6.81 -18.03
CA SER B 83 10.34 8.12 -17.51
C SER B 83 8.87 8.17 -17.06
N HIS B 84 8.07 7.20 -17.50
CA HIS B 84 6.63 7.20 -17.24
C HIS B 84 6.23 6.43 -15.99
N THR B 85 7.17 5.65 -15.43
CA THR B 85 6.89 4.81 -14.27
C THR B 85 6.44 5.63 -13.05
N SER B 86 5.17 5.43 -12.64
CA SER B 86 4.53 6.24 -11.62
C SER B 86 3.13 5.71 -11.28
N GLN B 87 2.42 6.41 -10.39
CA GLN B 87 0.99 6.19 -10.15
C GLN B 87 0.14 7.33 -10.71
N TYR B 88 -0.96 6.98 -11.38
CA TYR B 88 -1.82 7.95 -12.04
C TYR B 88 -3.24 7.97 -11.44
N LEU B 89 -3.58 9.07 -10.77
CA LEU B 89 -4.83 9.17 -10.01
C LEU B 89 -5.85 10.11 -10.65
N CYS B 90 -7.06 9.59 -10.79
CA CYS B 90 -8.15 10.31 -11.40
C CYS B 90 -9.08 10.86 -10.32
N ALA B 91 -9.58 12.08 -10.50
CA ALA B 91 -10.47 12.69 -9.52
C ALA B 91 -11.62 13.45 -10.18
N SER B 92 -12.63 13.80 -9.38
CA SER B 92 -13.77 14.57 -9.85
C SER B 92 -14.35 15.49 -8.74
N SER B 93 -15.19 16.46 -9.12
CA SER B 93 -15.84 17.39 -8.17
C SER B 93 -17.15 18.08 -8.66
N GLU B 94 -17.87 18.73 -7.73
CA GLU B 94 -19.12 19.42 -8.07
C GLU B 94 -19.01 20.95 -8.03
N SER B 95 -20.03 21.61 -8.58
CA SER B 95 -20.09 23.07 -8.72
C SER B 95 -21.31 23.67 -8.01
N ARG B 96 -21.79 23.00 -6.97
CA ARG B 96 -22.90 23.50 -6.14
C ARG B 96 -22.59 23.33 -4.66
N THR B 97 -23.06 24.28 -3.84
CA THR B 97 -22.57 24.48 -2.47
C THR B 97 -23.48 23.94 -1.34
N GLY B 98 -22.83 23.33 -0.33
CA GLY B 98 -23.48 22.59 0.75
C GLY B 98 -22.61 21.38 0.97
N ILE B 99 -21.82 21.38 2.04
CA ILE B 99 -20.54 20.62 2.14
C ILE B 99 -19.71 20.81 0.84
N ASN B 100 -19.48 22.09 0.52
CA ASN B 100 -18.91 22.55 -0.76
C ASN B 100 -17.47 22.11 -1.04
N TYR B 101 -17.29 21.51 -2.21
CA TYR B 101 -15.99 21.07 -2.74
C TYR B 101 -15.29 19.92 -1.99
N GLY B 102 -14.02 19.72 -2.30
CA GLY B 102 -13.35 18.49 -1.93
C GLY B 102 -13.51 17.58 -3.13
N TYR B 103 -12.46 16.84 -3.47
CA TYR B 103 -12.47 15.99 -4.64
C TYR B 103 -12.74 14.57 -4.21
N THR B 104 -13.40 13.82 -5.10
CA THR B 104 -13.51 12.38 -5.01
C THR B 104 -12.40 11.80 -5.87
N PHE B 105 -11.80 10.68 -5.42
CA PHE B 105 -10.66 10.06 -6.13
C PHE B 105 -10.90 8.61 -6.51
N GLY B 106 -10.31 8.20 -7.63
CA GLY B 106 -10.30 6.79 -8.02
C GLY B 106 -9.29 6.06 -7.17
N SER B 107 -8.94 4.86 -7.56
CA SER B 107 -7.95 4.10 -6.79
C SER B 107 -6.60 4.07 -7.48
N GLY B 108 -6.54 4.65 -8.67
CA GLY B 108 -5.29 4.76 -9.41
C GLY B 108 -4.88 3.51 -10.16
N THR B 109 -4.12 3.76 -11.22
CA THR B 109 -3.36 2.76 -11.97
C THR B 109 -1.91 2.92 -11.56
N ARG B 110 -1.27 1.82 -11.15
CA ARG B 110 0.18 1.82 -10.94
C ARG B 110 0.94 1.27 -12.17
N LEU B 111 1.56 2.19 -12.93
CA LEU B 111 2.25 1.83 -14.18
C LEU B 111 3.76 1.79 -14.00
N THR B 112 4.39 0.77 -14.56
CA THR B 112 5.83 0.69 -14.71
C THR B 112 6.15 0.36 -16.17
N VAL B 113 6.98 1.19 -16.78
CA VAL B 113 7.52 0.96 -18.12
C VAL B 113 8.97 0.47 -17.95
N VAL B 114 9.29 -0.69 -18.54
CA VAL B 114 10.64 -1.26 -18.39
C VAL B 114 11.48 -1.15 -19.68
N GLU B 115 12.70 -0.60 -19.54
CA GLU B 115 13.71 -0.58 -20.60
C GLU B 115 14.02 -2.00 -21.09
N ASP B 116 14.48 -2.87 -20.18
CA ASP B 116 14.86 -4.24 -20.51
C ASP B 116 13.88 -5.24 -19.92
N LEU B 117 13.21 -5.98 -20.80
CA LEU B 117 12.23 -6.96 -20.36
C LEU B 117 12.86 -8.16 -19.67
N ASN B 118 14.14 -8.38 -19.90
CA ASN B 118 14.84 -9.50 -19.27
C ASN B 118 14.94 -9.32 -17.76
N LYS B 119 14.68 -8.10 -17.28
CA LYS B 119 14.62 -7.78 -15.85
C LYS B 119 13.37 -8.29 -15.15
N VAL B 120 12.30 -8.51 -15.90
CA VAL B 120 11.02 -8.94 -15.33
C VAL B 120 11.12 -10.39 -14.85
N PHE B 121 10.69 -10.64 -13.61
CA PHE B 121 10.74 -11.97 -13.00
C PHE B 121 9.49 -12.22 -12.20
N PRO B 122 8.90 -13.43 -12.33
CA PRO B 122 7.75 -13.84 -11.50
C PRO B 122 8.22 -14.22 -10.10
N PRO B 123 7.30 -14.32 -9.12
CA PRO B 123 7.85 -14.66 -7.81
C PRO B 123 7.94 -16.17 -7.60
N GLU B 124 8.85 -16.58 -6.73
CA GLU B 124 8.75 -17.88 -6.12
C GLU B 124 8.00 -17.71 -4.81
N VAL B 125 7.09 -18.65 -4.52
CA VAL B 125 6.27 -18.63 -3.31
C VAL B 125 6.51 -19.90 -2.49
N ALA B 126 6.65 -19.70 -1.17
CA ALA B 126 6.81 -20.78 -0.22
C ALA B 126 6.03 -20.52 1.07
N VAL B 127 5.50 -21.61 1.63
CA VAL B 127 4.77 -21.56 2.90
C VAL B 127 5.58 -22.29 3.97
N PHE B 128 5.86 -21.62 5.07
CA PHE B 128 6.58 -22.22 6.19
C PHE B 128 5.63 -22.64 7.33
N GLU B 129 5.69 -23.91 7.71
CA GLU B 129 4.73 -24.48 8.68
C GLU B 129 4.96 -23.94 10.08
N PRO B 130 3.88 -23.81 10.87
CA PRO B 130 4.03 -23.21 12.21
C PRO B 130 5.00 -23.99 13.08
N SER B 131 5.73 -23.29 13.95
CA SER B 131 6.66 -23.93 14.88
C SER B 131 5.93 -24.73 15.93
N GLU B 132 6.45 -25.93 16.20
CA GLU B 132 5.89 -26.82 17.21
C GLU B 132 6.23 -26.33 18.61
N ALA B 133 7.25 -25.47 18.68
CA ALA B 133 7.61 -24.80 19.92
C ALA B 133 6.57 -23.74 20.26
N GLU B 134 6.10 -23.01 19.24
CA GLU B 134 5.06 -22.00 19.41
C GLU B 134 3.78 -22.65 19.94
N ILE B 135 3.30 -23.63 19.19
CA ILE B 135 2.13 -24.43 19.54
C ILE B 135 2.19 -24.91 20.99
N SER B 136 3.36 -25.43 21.38
CA SER B 136 3.56 -25.97 22.73
C SER B 136 3.28 -24.91 23.79
N HIS B 137 3.87 -23.73 23.59
CA HIS B 137 3.85 -22.66 24.59
C HIS B 137 2.67 -21.70 24.45
N THR B 138 1.95 -21.74 23.34
CA THR B 138 0.96 -20.69 23.09
C THR B 138 -0.44 -21.17 22.70
N GLN B 139 -0.55 -22.44 22.32
CA GLN B 139 -1.78 -23.05 21.79
C GLN B 139 -2.29 -22.41 20.48
N LYS B 140 -1.42 -21.63 19.83
CA LYS B 140 -1.72 -21.02 18.54
C LYS B 140 -0.63 -21.38 17.54
N ALA B 141 -0.95 -21.31 16.26
CA ALA B 141 -0.02 -21.72 15.22
C ALA B 141 0.05 -20.62 14.18
N THR B 142 1.27 -20.14 13.91
CA THR B 142 1.44 -19.07 12.94
C THR B 142 2.11 -19.55 11.68
N LEU B 143 1.37 -19.54 10.56
CA LEU B 143 1.93 -19.86 9.25
C LEU B 143 2.54 -18.61 8.66
N VAL B 144 3.68 -18.75 7.99
CA VAL B 144 4.32 -17.62 7.29
C VAL B 144 4.42 -17.90 5.78
N CYS B 145 3.98 -16.96 4.96
CA CYS B 145 4.20 -17.03 3.50
C CYS B 145 5.25 -16.03 3.04
N LEU B 146 6.10 -16.48 2.13
CA LEU B 146 7.24 -15.70 1.64
C LEU B 146 7.27 -15.75 0.12
N ALA B 147 7.16 -14.58 -0.50
CA ALA B 147 7.31 -14.45 -1.94
C ALA B 147 8.62 -13.73 -2.23
N THR B 148 9.48 -14.37 -3.02
CA THR B 148 10.81 -13.82 -3.29
C THR B 148 11.10 -13.61 -4.79
N GLY B 149 12.05 -12.73 -5.10
CA GLY B 149 12.71 -12.69 -6.41
C GLY B 149 11.90 -12.11 -7.56
N PHE B 150 10.81 -11.42 -7.24
CA PHE B 150 9.94 -10.83 -8.28
C PHE B 150 10.33 -9.40 -8.67
N TYR B 151 9.99 -9.06 -9.91
CA TYR B 151 10.23 -7.72 -10.47
C TYR B 151 9.38 -7.50 -11.71
N PRO B 152 8.67 -6.36 -11.79
CA PRO B 152 8.67 -5.30 -10.77
C PRO B 152 7.80 -5.54 -9.53
N ASP B 153 7.29 -4.43 -9.05
CA ASP B 153 6.77 -4.29 -7.71
C ASP B 153 5.40 -4.94 -7.44
N HIS B 154 4.65 -5.24 -8.50
CA HIS B 154 3.19 -5.35 -8.40
C HIS B 154 2.60 -6.73 -8.15
N VAL B 155 2.38 -7.02 -6.87
CA VAL B 155 1.83 -8.30 -6.44
C VAL B 155 0.68 -8.12 -5.46
N GLU B 156 -0.12 -9.18 -5.30
CA GLU B 156 -1.22 -9.18 -4.35
C GLU B 156 -1.30 -10.56 -3.71
N LEU B 157 -1.07 -10.61 -2.41
CA LEU B 157 -0.98 -11.87 -1.69
C LEU B 157 -2.31 -12.16 -0.98
N SER B 158 -2.72 -13.42 -1.00
CA SER B 158 -3.94 -13.86 -0.29
C SER B 158 -3.82 -15.27 0.25
N TRP B 159 -4.61 -15.55 1.28
CA TRP B 159 -4.63 -16.83 1.97
C TRP B 159 -5.95 -17.52 1.72
N TRP B 160 -5.91 -18.84 1.62
CA TRP B 160 -7.08 -19.64 1.34
C TRP B 160 -7.07 -20.86 2.26
N VAL B 161 -8.05 -20.92 3.15
CA VAL B 161 -8.19 -22.03 4.06
C VAL B 161 -9.39 -22.84 3.60
N ASN B 162 -9.15 -24.12 3.32
CA ASN B 162 -10.18 -25.02 2.81
C ASN B 162 -10.93 -24.48 1.59
N GLY B 163 -10.23 -23.73 0.75
CA GLY B 163 -10.78 -23.26 -0.52
C GLY B 163 -11.36 -21.87 -0.53
N LYS B 164 -11.67 -21.35 0.65
CA LYS B 164 -12.18 -19.98 0.81
C LYS B 164 -11.11 -18.99 1.33
N GLU B 165 -11.12 -17.78 0.80
CA GLU B 165 -10.23 -16.72 1.24
C GLU B 165 -10.51 -16.34 2.69
N VAL B 166 -9.44 -16.01 3.45
CA VAL B 166 -9.62 -15.58 4.84
C VAL B 166 -8.94 -14.24 5.13
N HIS B 167 -9.41 -13.52 6.14
CA HIS B 167 -8.81 -12.25 6.53
C HIS B 167 -8.55 -12.22 8.02
N SER B 168 -9.32 -13.01 8.75
CA SER B 168 -9.15 -13.10 10.18
C SER B 168 -7.78 -13.71 10.47
N GLY B 169 -7.00 -13.03 11.31
CA GLY B 169 -5.70 -13.56 11.71
C GLY B 169 -4.54 -13.40 10.73
N VAL B 170 -4.74 -12.58 9.71
CA VAL B 170 -3.74 -12.37 8.66
C VAL B 170 -3.03 -11.03 8.82
N CYS B 171 -1.75 -11.00 8.47
CA CYS B 171 -0.94 -9.77 8.40
C CYS B 171 -0.02 -9.91 7.23
N THR B 172 0.13 -8.81 6.49
CA THR B 172 0.99 -8.79 5.32
C THR B 172 1.82 -7.54 5.37
N ASP B 173 3.07 -7.62 4.93
CA ASP B 173 3.93 -6.45 4.92
C ASP B 173 3.25 -5.31 4.19
N PRO B 174 3.34 -4.06 4.73
CA PRO B 174 2.72 -2.93 4.06
C PRO B 174 3.38 -2.70 2.70
N GLN B 175 4.67 -3.04 2.60
CA GLN B 175 5.38 -2.92 1.33
C GLN B 175 6.48 -3.95 1.07
N PRO B 176 6.67 -4.32 -0.21
CA PRO B 176 7.79 -5.19 -0.54
C PRO B 176 9.12 -4.59 -0.10
N LEU B 177 10.11 -5.45 0.10
CA LEU B 177 11.44 -4.96 0.42
C LEU B 177 12.36 -5.33 -0.73
N LYS B 178 13.45 -4.58 -0.87
CA LYS B 178 14.40 -4.79 -1.95
C LYS B 178 15.41 -5.85 -1.56
N GLU B 179 15.53 -6.90 -2.38
CA GLU B 179 16.54 -7.94 -2.13
C GLU B 179 17.98 -7.43 -2.26
N GLN B 180 18.21 -6.43 -3.12
CA GLN B 180 19.51 -5.79 -3.31
C GLN B 180 19.37 -4.28 -3.36
N PRO B 181 19.18 -3.64 -2.19
CA PRO B 181 18.77 -2.24 -2.07
C PRO B 181 19.51 -1.23 -2.96
N ALA B 182 20.81 -1.42 -3.19
CA ALA B 182 21.62 -0.49 -4.00
C ALA B 182 21.45 -0.61 -5.52
N LEU B 183 20.66 -1.57 -5.99
CA LEU B 183 20.41 -1.75 -7.42
C LEU B 183 19.11 -1.13 -7.91
N ASN B 184 19.20 -0.30 -8.95
CA ASN B 184 18.04 0.31 -9.60
C ASN B 184 16.99 -0.75 -9.90
N ASP B 185 17.41 -1.82 -10.56
CA ASP B 185 16.48 -2.88 -10.97
C ASP B 185 16.44 -4.11 -10.04
N SER B 186 16.47 -3.84 -8.74
CA SER B 186 16.50 -4.90 -7.72
C SER B 186 15.17 -5.60 -7.71
N ARG B 187 15.22 -6.92 -7.51
CA ARG B 187 14.02 -7.75 -7.33
C ARG B 187 13.55 -7.61 -5.88
N TYR B 188 12.31 -8.02 -5.61
CA TYR B 188 11.66 -7.78 -4.31
C TYR B 188 11.24 -9.04 -3.57
N ALA B 189 10.98 -8.88 -2.27
CA ALA B 189 10.40 -9.95 -1.46
C ALA B 189 9.23 -9.42 -0.63
N LEU B 190 8.32 -10.31 -0.23
CA LEU B 190 7.17 -9.97 0.60
C LEU B 190 6.68 -11.11 1.51
N SER B 191 6.41 -10.80 2.77
CA SER B 191 5.97 -11.82 3.70
C SER B 191 4.56 -11.58 4.22
N SER B 192 3.92 -12.67 4.64
CA SER B 192 2.62 -12.61 5.26
C SER B 192 2.58 -13.52 6.46
N ARG B 193 1.58 -13.37 7.30
CA ARG B 193 1.41 -14.23 8.48
C ARG B 193 -0.04 -14.61 8.62
N LEU B 194 -0.30 -15.86 9.00
CA LEU B 194 -1.66 -16.33 9.28
C LEU B 194 -1.69 -17.18 10.54
N ARG B 195 -2.39 -16.68 11.56
CA ARG B 195 -2.42 -17.35 12.85
C ARG B 195 -3.78 -18.00 13.11
N VAL B 196 -3.74 -19.27 13.48
CA VAL B 196 -4.93 -20.02 13.84
C VAL B 196 -4.69 -20.70 15.18
N SER B 197 -5.73 -21.32 15.73
CA SER B 197 -5.58 -22.12 16.95
C SER B 197 -4.84 -23.42 16.62
N ALA B 198 -4.03 -23.92 17.55
CA ALA B 198 -3.27 -25.15 17.34
C ALA B 198 -4.17 -26.33 16.96
N THR B 199 -5.30 -26.49 17.64
CA THR B 199 -6.22 -27.58 17.31
C THR B 199 -6.65 -27.54 15.83
N PHE B 200 -6.74 -26.33 15.27
CA PHE B 200 -7.10 -26.19 13.88
C PHE B 200 -5.99 -26.65 12.94
N TRP B 201 -4.76 -26.18 13.17
CA TRP B 201 -3.58 -26.65 12.43
C TRP B 201 -3.30 -28.15 12.62
N GLN B 202 -3.66 -28.69 13.78
CA GLN B 202 -3.40 -30.10 14.07
C GLN B 202 -4.42 -31.06 13.46
N ASP B 203 -5.43 -30.51 12.78
CA ASP B 203 -6.40 -31.32 12.07
C ASP B 203 -5.80 -31.64 10.71
N PRO B 204 -5.41 -32.91 10.49
CA PRO B 204 -4.72 -33.28 9.25
C PRO B 204 -5.54 -33.02 7.98
N ARG B 205 -6.84 -32.78 8.14
CA ARG B 205 -7.72 -32.54 6.99
C ARG B 205 -7.96 -31.09 6.58
N ASN B 206 -7.27 -30.13 7.20
CA ASN B 206 -7.35 -28.74 6.74
C ASN B 206 -6.29 -28.47 5.69
N HIS B 207 -6.60 -27.56 4.77
CA HIS B 207 -5.72 -27.28 3.65
C HIS B 207 -5.44 -25.79 3.55
N PHE B 208 -4.15 -25.45 3.41
CA PHE B 208 -3.72 -24.05 3.42
C PHE B 208 -2.96 -23.69 2.13
N ARG B 209 -3.37 -22.59 1.50
CA ARG B 209 -2.76 -22.12 0.27
C ARG B 209 -2.46 -20.63 0.35
N CYS B 210 -1.19 -20.28 0.16
CA CYS B 210 -0.77 -18.90 -0.04
C CYS B 210 -0.73 -18.65 -1.55
N GLN B 211 -1.44 -17.61 -1.98
CA GLN B 211 -1.54 -17.28 -3.40
C GLN B 211 -0.97 -15.90 -3.67
N VAL B 212 -0.04 -15.81 -4.60
CA VAL B 212 0.47 -14.53 -5.05
C VAL B 212 0.04 -14.27 -6.48
N GLN B 213 -0.75 -13.21 -6.68
CA GLN B 213 -1.11 -12.71 -8.01
C GLN B 213 -0.04 -11.71 -8.48
N PHE B 214 0.59 -12.03 -9.63
CA PHE B 214 1.70 -11.26 -10.21
C PHE B 214 1.30 -10.49 -11.49
N TYR B 215 1.57 -9.18 -11.52
CA TYR B 215 1.34 -8.36 -12.73
C TYR B 215 2.63 -8.22 -13.55
N GLY B 216 2.58 -8.68 -14.80
CA GLY B 216 3.78 -8.85 -15.59
C GLY B 216 3.57 -8.68 -17.07
N LEU B 217 4.32 -9.46 -17.85
CA LEU B 217 4.27 -9.34 -19.28
C LEU B 217 2.94 -9.82 -19.82
N SER B 218 2.64 -9.39 -21.03
CA SER B 218 1.40 -9.75 -21.66
C SER B 218 1.69 -10.88 -22.63
N GLU B 219 0.63 -11.63 -22.94
CA GLU B 219 0.68 -12.79 -23.80
C GLU B 219 1.64 -12.65 -24.96
N ASN B 220 1.56 -11.51 -25.64
CA ASN B 220 2.21 -11.26 -26.94
C ASN B 220 3.52 -10.48 -26.90
N ASP B 221 3.77 -9.74 -25.81
CA ASP B 221 5.02 -9.00 -25.61
C ASP B 221 6.18 -9.88 -26.03
N GLU B 222 7.01 -9.39 -26.95
CA GLU B 222 8.16 -10.15 -27.44
C GLU B 222 9.03 -10.71 -26.34
N TRP B 223 9.64 -11.86 -26.60
CA TRP B 223 10.41 -12.63 -25.62
C TRP B 223 11.24 -13.68 -26.33
N THR B 224 12.55 -13.61 -26.22
CA THR B 224 13.41 -14.56 -26.92
C THR B 224 14.39 -15.30 -26.00
N GLN B 225 14.05 -15.35 -24.70
CA GLN B 225 14.91 -15.92 -23.67
C GLN B 225 14.49 -17.32 -23.28
N ASP B 226 15.36 -18.04 -22.59
CA ASP B 226 15.13 -19.45 -22.28
C ASP B 226 14.11 -19.69 -21.15
N ARG B 227 14.22 -18.97 -20.04
CA ARG B 227 13.18 -19.05 -19.00
C ARG B 227 11.79 -18.79 -19.60
N ALA B 228 10.77 -19.29 -18.94
CA ALA B 228 9.40 -19.08 -19.40
C ALA B 228 9.07 -17.59 -19.32
N LYS B 229 8.27 -17.13 -20.26
CA LYS B 229 7.83 -15.74 -20.31
C LYS B 229 7.16 -15.34 -19.00
N PRO B 230 7.69 -14.28 -18.33
CA PRO B 230 7.12 -13.78 -17.06
C PRO B 230 5.82 -13.01 -17.28
N VAL B 231 4.79 -13.72 -17.73
CA VAL B 231 3.46 -13.14 -17.97
C VAL B 231 2.75 -12.93 -16.65
N THR B 232 1.71 -12.11 -16.65
CA THR B 232 0.79 -12.05 -15.52
C THR B 232 0.28 -13.46 -15.22
N GLN B 233 0.30 -13.84 -13.95
CA GLN B 233 0.05 -15.23 -13.53
C GLN B 233 -0.10 -15.28 -12.03
N ILE B 234 -0.57 -16.42 -11.53
CA ILE B 234 -0.75 -16.69 -10.10
C ILE B 234 0.20 -17.79 -9.67
N VAL B 235 0.95 -17.55 -8.60
CA VAL B 235 1.87 -18.56 -8.08
C VAL B 235 1.48 -18.94 -6.64
N SER B 236 1.33 -20.23 -6.42
CA SER B 236 0.81 -20.71 -5.14
C SER B 236 1.74 -21.66 -4.45
N ALA B 237 1.64 -21.72 -3.13
CA ALA B 237 2.24 -22.80 -2.37
C ALA B 237 1.17 -23.32 -1.41
N GLU B 238 1.23 -24.60 -1.07
CA GLU B 238 0.22 -25.17 -0.19
C GLU B 238 0.79 -26.09 0.87
N ALA B 239 0.01 -26.26 1.95
CA ALA B 239 0.42 -27.06 3.06
C ALA B 239 -0.80 -27.61 3.79
N TRP B 240 -0.60 -28.79 4.38
CA TRP B 240 -1.65 -29.54 5.05
C TRP B 240 -1.43 -29.57 6.56
N GLY B 241 -2.52 -29.47 7.31
CA GLY B 241 -2.46 -29.64 8.77
C GLY B 241 -1.86 -30.97 9.14
N ARG B 242 -1.12 -31.00 10.26
CA ARG B 242 -0.44 -32.23 10.70
C ARG B 242 -1.02 -32.76 11.99
N ALA B 243 -1.69 -33.91 11.92
CA ALA B 243 -2.15 -34.63 13.10
C ALA B 243 -0.99 -34.86 14.06
N ASP B 244 -1.21 -34.54 15.32
CA ASP B 244 -0.18 -34.69 16.34
C ASP B 244 -0.75 -35.26 17.65
#